data_1PPY
#
_entry.id   1PPY
#
_cell.length_a   70.983
_cell.length_b   70.983
_cell.length_c   216.386
_cell.angle_alpha   90.00
_cell.angle_beta   90.00
_cell.angle_gamma   120.00
#
_symmetry.space_group_name_H-M   'P 61 2 2'
#
loop_
_entity.id
_entity.type
_entity.pdbx_description
1 polymer 'Aspartate 1-decarboxylase precursor'
2 non-polymer 'SULFATE ION'
3 water water
#
_entity_poly.entity_id   1
_entity_poly.type   'polypeptide(L)'
_entity_poly.pdbx_seq_one_letter_code
;MIRTMLQGKLHRVKVTHADLHYEGSCAIDQDFLDAAGILENEAIDIWNVTNGKRFSTYAIAAERGSRIISVNGAAAH
(CSX)ASVGDIVIIASFVTMPDEEARTWRPNVAYFEGDNEMKRTAKAIPVQVA
;
_entity_poly.pdbx_strand_id   A,B
#
loop_
_chem_comp.id
_chem_comp.type
_chem_comp.name
_chem_comp.formula
SO4 non-polymer 'SULFATE ION' 'O4 S -2'
#
# COMPACT_ATOMS: atom_id res chain seq x y z
N MET A 1 -6.98 -14.22 -14.46
CA MET A 1 -7.21 -13.80 -13.07
C MET A 1 -7.05 -12.29 -12.93
N ILE A 2 -7.56 -11.77 -11.83
CA ILE A 2 -7.76 -10.37 -11.61
C ILE A 2 -6.87 -9.94 -10.43
N ARG A 3 -6.07 -8.90 -10.69
CA ARG A 3 -5.12 -8.34 -9.73
C ARG A 3 -5.69 -7.14 -9.00
N THR A 4 -5.23 -6.93 -7.76
CA THR A 4 -5.48 -5.72 -7.00
C THR A 4 -4.22 -4.88 -7.03
N MET A 5 -4.32 -3.71 -7.68
CA MET A 5 -3.18 -2.83 -7.97
C MET A 5 -3.36 -1.45 -7.34
N LEU A 6 -2.27 -0.86 -6.91
CA LEU A 6 -2.28 0.52 -6.44
C LEU A 6 -2.73 1.39 -7.60
N GLN A 7 -3.86 2.01 -7.43
CA GLN A 7 -4.40 2.96 -8.40
C GLN A 7 -3.67 4.27 -8.34
N GLY A 8 -3.47 4.75 -7.14
CA GLY A 8 -2.81 6.01 -6.97
C GLY A 8 -2.66 6.32 -5.52
N LYS A 9 -1.86 7.33 -5.21
CA LYS A 9 -1.70 7.72 -3.83
C LYS A 9 -1.26 9.17 -3.68
N LEU A 10 -1.58 9.69 -2.51
CA LEU A 10 -1.11 10.98 -2.04
C LEU A 10 -0.05 10.66 -1.01
N HIS A 11 1.17 10.96 -1.38
CA HIS A 11 2.36 10.61 -0.61
C HIS A 11 2.83 11.71 0.35
N ARG A 12 2.68 11.42 1.64
CA ARG A 12 3.12 12.28 2.73
C ARG A 12 2.40 13.63 2.75
N VAL A 13 1.09 13.60 2.57
CA VAL A 13 0.29 14.79 2.82
C VAL A 13 0.17 14.95 4.32
N LYS A 14 -0.12 16.17 4.74
CA LYS A 14 -0.27 16.48 6.14
C LYS A 14 -1.75 16.69 6.48
N VAL A 15 -2.20 16.12 7.60
CA VAL A 15 -3.57 16.28 8.07
C VAL A 15 -3.73 17.72 8.55
N THR A 16 -4.76 18.40 8.04
CA THR A 16 -5.02 19.84 8.30
C THR A 16 -6.18 20.14 9.21
C THR A 16 -6.07 19.85 9.35
N HIS A 17 -6.30 21.40 9.56
N HIS A 17 -7.27 19.02 9.31
CA HIS A 17 -7.51 21.91 10.15
CA HIS A 17 -8.25 18.93 10.40
C HIS A 17 -8.63 21.85 9.11
N ALA A 18 -9.84 21.74 9.64
CA ALA A 18 -11.08 21.80 8.90
C ALA A 18 -12.21 22.06 9.89
N ASP A 19 -13.11 22.98 9.54
CA ASP A 19 -14.24 23.35 10.40
C ASP A 19 -15.31 22.25 10.38
N LEU A 20 -15.54 21.65 9.22
CA LEU A 20 -16.62 20.68 9.04
C LEU A 20 -16.27 19.30 9.61
N HIS A 21 -17.29 18.57 10.04
CA HIS A 21 -17.17 17.16 10.39
C HIS A 21 -17.52 16.34 9.14
N TYR A 22 -16.79 15.25 8.96
CA TYR A 22 -16.77 14.51 7.70
C TYR A 22 -17.29 13.08 7.83
N GLU A 23 -17.91 12.80 8.97
CA GLU A 23 -18.79 11.65 9.09
C GLU A 23 -18.12 10.27 8.85
N GLY A 24 -16.86 10.17 9.26
CA GLY A 24 -16.11 8.93 9.14
C GLY A 24 -15.20 8.84 7.93
N SER A 25 -15.35 9.78 7.01
CA SER A 25 -14.59 9.83 5.75
C SER A 25 -13.30 10.65 5.95
N CYS A 26 -12.46 10.70 4.92
CA CYS A 26 -11.35 11.63 4.88
C CYS A 26 -11.67 12.67 3.83
N ALA A 27 -11.80 13.96 4.13
CA ALA A 27 -12.04 14.97 3.11
C ALA A 27 -10.72 15.43 2.54
N ILE A 28 -10.67 15.56 1.22
CA ILE A 28 -9.45 15.72 0.45
C ILE A 28 -9.70 16.76 -0.67
N ASP A 29 -8.86 17.79 -0.71
CA ASP A 29 -8.91 18.81 -1.75
C ASP A 29 -9.11 18.11 -3.12
N GLN A 30 -10.18 18.46 -3.82
CA GLN A 30 -10.46 17.91 -5.16
C GLN A 30 -9.23 17.89 -6.09
N ASP A 31 -8.37 18.92 -6.02
CA ASP A 31 -7.12 18.96 -6.82
C ASP A 31 -6.21 17.75 -6.54
N PHE A 32 -6.14 17.36 -5.27
CA PHE A 32 -5.33 16.24 -4.83
C PHE A 32 -5.97 14.94 -5.31
N LEU A 33 -7.29 14.83 -5.19
CA LEU A 33 -8.01 13.69 -5.69
C LEU A 33 -7.73 13.53 -7.20
N ASP A 34 -7.83 14.62 -7.94
CA ASP A 34 -7.55 14.62 -9.38
C ASP A 34 -6.18 14.03 -9.68
N ALA A 35 -5.15 14.48 -8.98
CA ALA A 35 -3.77 14.07 -9.25
C ALA A 35 -3.50 12.59 -8.95
N ALA A 36 -4.12 12.09 -7.89
CA ALA A 36 -3.99 10.68 -7.51
C ALA A 36 -5.02 9.77 -8.18
N GLY A 37 -5.94 10.33 -8.97
CA GLY A 37 -6.97 9.54 -9.63
C GLY A 37 -8.03 8.95 -8.69
N ILE A 38 -8.15 9.52 -7.49
CA ILE A 38 -9.10 9.04 -6.50
C ILE A 38 -10.46 9.73 -6.67
N LEU A 39 -11.50 8.94 -6.55
CA LEU A 39 -12.87 9.39 -6.71
C LEU A 39 -13.56 9.65 -5.38
N GLU A 40 -14.52 10.55 -5.42
CA GLU A 40 -15.38 10.76 -4.28
C GLU A 40 -16.10 9.43 -4.07
N ASN A 41 -16.18 9.03 -2.81
CA ASN A 41 -16.84 7.83 -2.33
C ASN A 41 -16.03 6.57 -2.59
N GLU A 42 -14.79 6.71 -3.08
CA GLU A 42 -13.91 5.57 -3.29
C GLU A 42 -13.32 5.10 -1.97
N ALA A 43 -13.22 3.80 -1.79
CA ALA A 43 -12.48 3.24 -0.64
C ALA A 43 -11.02 3.67 -0.69
N ILE A 44 -10.48 4.05 0.46
CA ILE A 44 -9.08 4.45 0.58
C ILE A 44 -8.45 3.85 1.83
N ASP A 45 -7.15 3.53 1.73
CA ASP A 45 -6.33 3.12 2.84
C ASP A 45 -5.44 4.28 3.24
N ILE A 46 -5.35 4.54 4.54
CA ILE A 46 -4.54 5.62 5.05
C ILE A 46 -3.50 5.01 5.99
N TRP A 47 -2.25 5.30 5.69
CA TRP A 47 -1.13 4.83 6.49
C TRP A 47 -0.53 6.06 7.13
N ASN A 48 -0.63 6.12 8.44
CA ASN A 48 -0.14 7.26 9.20
C ASN A 48 1.33 7.02 9.51
N VAL A 49 2.18 7.79 8.84
CA VAL A 49 3.62 7.70 8.99
C VAL A 49 4.08 8.18 10.38
N THR A 50 3.34 9.11 10.97
CA THR A 50 3.68 9.66 12.28
C THR A 50 3.43 8.68 13.44
N ASN A 51 2.24 8.11 13.52
CA ASN A 51 1.91 7.25 14.66
C ASN A 51 1.85 5.74 14.30
N GLY A 52 2.08 5.40 13.03
CA GLY A 52 2.05 4.01 12.57
C GLY A 52 0.70 3.36 12.34
N LYS A 53 -0.39 4.07 12.62
CA LYS A 53 -1.73 3.51 12.44
C LYS A 53 -2.04 3.33 10.97
N ARG A 54 -2.81 2.29 10.67
CA ARG A 54 -3.21 1.97 9.33
C ARG A 54 -4.72 1.70 9.39
N PHE A 55 -5.49 2.44 8.59
CA PHE A 55 -6.95 2.29 8.59
C PHE A 55 -7.49 2.48 7.21
N SER A 56 -8.76 2.10 7.03
CA SER A 56 -9.41 2.17 5.74
C SER A 56 -10.73 2.92 5.91
N THR A 57 -11.00 3.83 5.01
CA THR A 57 -12.26 4.54 5.04
C THR A 57 -12.66 4.88 3.61
N TYR A 58 -13.30 6.01 3.37
CA TYR A 58 -13.62 6.43 2.00
C TYR A 58 -13.33 7.93 1.82
N ALA A 59 -13.16 8.32 0.57
CA ALA A 59 -12.75 9.69 0.24
C ALA A 59 -13.97 10.56 0.02
N ILE A 60 -13.94 11.78 0.54
CA ILE A 60 -14.85 12.79 0.02
C ILE A 60 -14.08 14.01 -0.41
N ALA A 61 -14.67 14.76 -1.33
CA ALA A 61 -13.98 15.91 -1.90
C ALA A 61 -14.13 17.09 -0.96
N ALA A 62 -13.03 17.80 -0.75
CA ALA A 62 -13.04 19.10 -0.13
C ALA A 62 -12.91 20.11 -1.26
N GLU A 63 -13.23 21.36 -0.94
CA GLU A 63 -13.19 22.43 -1.91
C GLU A 63 -11.84 22.49 -2.62
N ARG A 64 -11.87 22.63 -3.94
CA ARG A 64 -10.67 22.78 -4.74
C ARG A 64 -9.83 23.96 -4.27
N GLY A 65 -8.54 23.72 -4.05
CA GLY A 65 -7.65 24.76 -3.55
C GLY A 65 -7.64 24.97 -2.05
N SER A 66 -8.50 24.26 -1.31
CA SER A 66 -8.53 24.32 0.16
C SER A 66 -7.30 23.65 0.81
N ARG A 67 -6.67 22.75 0.06
CA ARG A 67 -5.59 21.88 0.52
C ARG A 67 -5.95 21.10 1.79
N ILE A 68 -7.25 20.84 1.99
CA ILE A 68 -7.71 20.11 3.18
C ILE A 68 -7.41 18.63 3.09
N ILE A 69 -6.90 18.07 4.19
CA ILE A 69 -6.86 16.64 4.46
C ILE A 69 -7.46 16.49 5.86
N SER A 70 -8.67 15.94 5.97
CA SER A 70 -9.33 15.97 7.28
C SER A 70 -10.03 14.67 7.59
N VAL A 71 -9.77 14.10 8.77
CA VAL A 71 -10.64 13.04 9.39
C VAL A 71 -11.47 13.58 10.56
N ASN A 72 -11.59 14.91 10.64
CA ASN A 72 -12.48 15.58 11.59
C ASN A 72 -13.85 14.91 11.63
N GLY A 73 -14.41 14.83 12.83
CA GLY A 73 -15.67 14.15 13.03
C GLY A 73 -15.45 12.73 13.52
N ALA A 74 -16.12 11.77 12.89
CA ALA A 74 -16.17 10.41 13.39
C ALA A 74 -14.87 9.61 13.23
N ALA A 75 -13.93 10.06 12.41
CA ALA A 75 -12.68 9.31 12.17
C ALA A 75 -11.46 9.93 12.89
N ALA A 76 -11.73 10.87 13.78
CA ALA A 76 -10.68 11.64 14.41
C ALA A 76 -9.67 10.81 15.26
N HIS A 77 -10.01 9.58 15.63
CA HIS A 77 -9.15 8.77 16.51
C HIS A 77 -7.89 8.21 15.81
N CSX A 78 -7.86 8.18 14.47
CA CSX A 78 -6.74 7.54 13.77
CB CSX A 78 -7.20 6.75 12.57
SG CSX A 78 -8.22 5.40 13.04
C CSX A 78 -5.73 8.56 13.26
O CSX A 78 -4.51 8.04 12.79
OD CSX A 78 -7.41 4.35 13.84
N ALA A 79 -6.01 9.86 13.27
CA ALA A 79 -5.02 10.82 12.82
C ALA A 79 -5.31 12.14 13.48
N SER A 80 -4.27 12.96 13.57
CA SER A 80 -4.33 14.23 14.24
C SER A 80 -3.74 15.26 13.30
N VAL A 81 -4.14 16.51 13.50
CA VAL A 81 -3.64 17.61 12.70
C VAL A 81 -2.14 17.67 12.88
N GLY A 82 -1.43 17.75 11.76
CA GLY A 82 0.01 17.73 11.76
C GLY A 82 0.61 16.40 11.35
N ASP A 83 -0.16 15.31 11.49
CA ASP A 83 0.33 13.97 11.21
C ASP A 83 0.56 13.90 9.70
N ILE A 84 1.57 13.12 9.33
CA ILE A 84 1.93 12.87 7.94
C ILE A 84 1.38 11.49 7.57
N VAL A 85 0.62 11.44 6.48
CA VAL A 85 -0.06 10.23 6.04
C VAL A 85 0.16 9.96 4.55
N ILE A 86 -0.04 8.70 4.18
CA ILE A 86 -0.14 8.29 2.79
C ILE A 86 -1.57 7.76 2.58
N ILE A 87 -2.20 8.25 1.53
CA ILE A 87 -3.59 7.89 1.22
C ILE A 87 -3.54 7.17 -0.11
N ALA A 88 -4.00 5.92 -0.14
CA ALA A 88 -3.95 5.11 -1.37
C ALA A 88 -5.31 4.57 -1.73
N SER A 89 -5.59 4.45 -3.04
CA SER A 89 -6.70 3.63 -3.52
C SER A 89 -6.16 2.49 -4.37
N PHE A 90 -6.93 1.40 -4.41
CA PHE A 90 -6.57 0.19 -5.12
C PHE A 90 -7.72 -0.15 -6.07
N VAL A 91 -7.35 -0.59 -7.26
CA VAL A 91 -8.33 -1.01 -8.27
C VAL A 91 -8.00 -2.42 -8.75
N THR A 92 -8.97 -3.11 -9.34
CA THR A 92 -8.76 -4.42 -9.91
C THR A 92 -8.79 -4.37 -11.42
N MET A 93 -8.04 -5.29 -12.02
CA MET A 93 -7.92 -5.38 -13.46
C MET A 93 -7.28 -6.70 -13.83
N PRO A 94 -7.47 -7.15 -15.06
CA PRO A 94 -6.83 -8.39 -15.50
C PRO A 94 -5.30 -8.31 -15.41
N ASP A 95 -4.68 -9.47 -15.30
CA ASP A 95 -3.26 -9.60 -15.11
C ASP A 95 -2.45 -8.88 -16.22
N GLU A 96 -2.88 -9.00 -17.48
CA GLU A 96 -2.13 -8.35 -18.56
C GLU A 96 -2.09 -6.83 -18.35
N GLU A 97 -3.23 -6.21 -18.08
CA GLU A 97 -3.26 -4.77 -17.83
C GLU A 97 -2.42 -4.41 -16.60
N ALA A 98 -2.52 -5.25 -15.57
CA ALA A 98 -1.78 -5.04 -14.33
C ALA A 98 -0.28 -4.95 -14.57
N ARG A 99 0.21 -5.78 -15.48
CA ARG A 99 1.64 -5.89 -15.74
C ARG A 99 2.28 -4.63 -16.33
N THR A 100 1.49 -3.73 -16.92
CA THR A 100 2.04 -2.45 -17.36
C THR A 100 1.31 -1.25 -16.75
N TRP A 101 0.60 -1.48 -15.66
CA TRP A 101 -0.15 -0.43 -15.00
C TRP A 101 0.78 0.56 -14.27
N ARG A 102 0.50 1.85 -14.38
CA ARG A 102 1.29 2.91 -13.74
C ARG A 102 0.36 3.66 -12.79
N PRO A 103 0.60 3.56 -11.48
CA PRO A 103 -0.22 4.31 -10.51
C PRO A 103 -0.10 5.83 -10.67
N ASN A 104 -1.14 6.53 -10.27
CA ASN A 104 -1.15 7.97 -10.22
C ASN A 104 -0.64 8.47 -8.86
N VAL A 105 0.59 8.99 -8.85
CA VAL A 105 1.24 9.36 -7.60
C VAL A 105 1.49 10.88 -7.54
N ALA A 106 1.09 11.47 -6.42
CA ALA A 106 1.32 12.87 -6.06
C ALA A 106 2.12 12.93 -4.76
N TYR A 107 3.16 13.73 -4.77
CA TYR A 107 4.05 13.93 -3.64
C TYR A 107 3.81 15.29 -3.04
N PHE A 108 4.00 15.40 -1.72
CA PHE A 108 3.68 16.60 -0.97
C PHE A 108 4.82 17.00 -0.08
N GLU A 109 4.89 18.31 0.14
CA GLU A 109 5.83 18.92 1.06
C GLU A 109 5.20 20.18 1.61
N GLY A 110 5.78 20.70 2.66
CA GLY A 110 5.41 22.01 3.15
C GLY A 110 3.93 22.09 3.48
N ASP A 111 3.28 23.14 2.98
CA ASP A 111 1.88 23.42 3.23
C ASP A 111 1.01 22.64 2.24
N ASN A 112 1.18 21.33 2.19
CA ASN A 112 0.53 20.47 1.23
C ASN A 112 0.68 21.00 -0.20
N GLU A 113 1.91 21.38 -0.51
CA GLU A 113 2.30 21.78 -1.85
C GLU A 113 2.56 20.52 -2.65
N MET A 114 1.83 20.34 -3.76
CA MET A 114 1.84 19.10 -4.52
C MET A 114 2.87 19.15 -5.62
N LYS A 115 3.59 18.05 -5.79
CA LYS A 115 4.58 17.86 -6.86
C LYS A 115 4.34 16.53 -7.60
N ARG A 116 4.77 16.49 -8.85
CA ARG A 116 4.67 15.29 -9.65
C ARG A 116 5.73 14.23 -9.27
N THR A 117 6.89 14.68 -8.78
CA THR A 117 7.97 13.78 -8.31
C THR A 117 8.44 14.16 -6.90
N ALA A 118 9.35 13.35 -6.34
CA ALA A 118 9.91 13.60 -4.99
C ALA A 118 11.16 14.48 -4.99
N MET B 1 -19.97 -17.31 -9.28
CA MET B 1 -19.40 -16.26 -8.41
C MET B 1 -17.88 -16.30 -8.42
N ILE B 2 -17.28 -15.30 -7.77
CA ILE B 2 -15.85 -14.99 -7.89
C ILE B 2 -15.19 -15.21 -6.53
N ARG B 3 -14.12 -16.00 -6.55
CA ARG B 3 -13.33 -16.31 -5.37
C ARG B 3 -12.09 -15.45 -5.25
N THR B 4 -11.64 -15.26 -4.01
CA THR B 4 -10.37 -14.65 -3.73
C THR B 4 -9.43 -15.76 -3.32
N MET B 5 -8.32 -15.92 -4.06
CA MET B 5 -7.38 -17.03 -3.92
C MET B 5 -5.96 -16.50 -3.70
N LEU B 6 -5.16 -17.23 -2.93
CA LEU B 6 -3.73 -16.97 -2.83
C LEU B 6 -3.09 -17.13 -4.18
N GLN B 7 -2.52 -16.03 -4.67
CA GLN B 7 -1.81 -16.03 -5.95
C GLN B 7 -0.40 -16.58 -5.78
N GLY B 8 0.25 -16.12 -4.74
CA GLY B 8 1.60 -16.59 -4.48
C GLY B 8 2.14 -15.99 -3.21
N LYS B 9 3.28 -16.49 -2.77
CA LYS B 9 3.90 -15.98 -1.57
C LYS B 9 5.39 -16.24 -1.50
N LEU B 10 6.05 -15.39 -0.72
CA LEU B 10 7.43 -15.53 -0.33
C LEU B 10 7.38 -15.98 1.12
N HIS B 11 7.85 -17.21 1.35
CA HIS B 11 7.75 -17.82 2.65
C HIS B 11 9.00 -17.69 3.49
N ARG B 12 8.88 -16.92 4.57
CA ARG B 12 9.92 -16.74 5.56
C ARG B 12 11.17 -16.09 4.96
N VAL B 13 10.95 -14.97 4.27
CA VAL B 13 12.04 -14.11 3.88
C VAL B 13 12.36 -13.27 5.08
N LYS B 14 13.58 -12.75 5.11
CA LYS B 14 14.06 -11.88 6.17
C LYS B 14 14.10 -10.41 5.70
N VAL B 15 13.63 -9.51 6.56
CA VAL B 15 13.66 -8.07 6.29
C VAL B 15 15.11 -7.61 6.34
N THR B 16 15.59 -7.01 5.25
CA THR B 16 16.99 -6.56 5.18
C THR B 16 17.18 -5.07 5.43
N HIS B 17 16.14 -4.28 5.16
CA HIS B 17 16.17 -2.81 5.24
C HIS B 17 14.82 -2.33 5.77
N ALA B 18 14.81 -1.21 6.49
CA ALA B 18 13.55 -0.65 7.01
C ALA B 18 13.72 0.83 7.32
N ASP B 19 13.47 1.68 6.32
CA ASP B 19 13.64 3.12 6.47
C ASP B 19 12.29 3.81 6.54
N LEU B 20 12.17 4.77 7.46
CA LEU B 20 10.93 5.54 7.65
C LEU B 20 10.95 6.86 6.88
N HIS B 21 11.46 6.83 5.64
CA HIS B 21 11.44 7.98 4.74
C HIS B 21 11.16 7.49 3.32
N TYR B 22 9.89 7.61 2.89
CA TYR B 22 9.43 7.08 1.62
C TYR B 22 9.75 5.60 1.43
N GLU B 23 8.87 4.79 0.81
CA GLU B 23 7.65 5.23 0.12
C GLU B 23 6.34 4.57 0.61
N GLY B 24 6.40 3.80 1.69
CA GLY B 24 5.25 3.10 2.22
C GLY B 24 5.04 1.72 1.59
N SER B 25 6.02 1.28 0.80
CA SER B 25 5.91 0.04 0.05
C SER B 25 6.89 -0.99 0.63
N CYS B 26 6.94 -2.19 0.05
CA CYS B 26 7.90 -3.20 0.41
C CYS B 26 8.72 -3.44 -0.84
N ALA B 27 10.03 -3.21 -0.88
CA ALA B 27 10.81 -3.43 -2.10
C ALA B 27 11.39 -4.83 -2.03
N ILE B 28 11.20 -5.58 -3.11
CA ILE B 28 11.51 -7.00 -3.12
C ILE B 28 12.37 -7.34 -4.34
N ASP B 29 13.51 -8.00 -4.13
CA ASP B 29 14.33 -8.56 -5.23
C ASP B 29 13.43 -9.06 -6.35
N GLN B 30 13.64 -8.56 -7.56
CA GLN B 30 12.84 -8.97 -8.72
C GLN B 30 12.82 -10.49 -8.97
N ASP B 31 13.92 -11.17 -8.63
CA ASP B 31 13.98 -12.62 -8.74
C ASP B 31 12.89 -13.25 -7.86
N PHE B 32 12.70 -12.69 -6.67
CA PHE B 32 11.67 -13.15 -5.72
C PHE B 32 10.25 -12.90 -6.24
N LEU B 33 10.01 -11.68 -6.75
CA LEU B 33 8.74 -11.33 -7.37
C LEU B 33 8.44 -12.30 -8.50
N ASP B 34 9.45 -12.56 -9.34
CA ASP B 34 9.32 -13.51 -10.45
C ASP B 34 8.84 -14.89 -10.00
N ALA B 35 9.47 -15.43 -8.95
CA ALA B 35 9.11 -16.75 -8.42
C ALA B 35 7.68 -16.82 -7.83
N ALA B 36 7.25 -15.76 -7.16
CA ALA B 36 5.97 -15.73 -6.49
C ALA B 36 4.85 -15.19 -7.35
N GLY B 37 5.19 -14.68 -8.54
CA GLY B 37 4.19 -14.10 -9.42
C GLY B 37 3.68 -12.74 -8.98
N ILE B 38 4.38 -12.08 -8.05
CA ILE B 38 3.93 -10.80 -7.52
C ILE B 38 4.41 -9.67 -8.43
N LEU B 39 3.53 -8.71 -8.71
CA LEU B 39 3.81 -7.64 -9.65
C LEU B 39 4.20 -6.37 -8.92
N GLU B 40 5.01 -5.58 -9.59
CA GLU B 40 5.22 -4.21 -9.14
C GLU B 40 3.87 -3.52 -9.06
N ASN B 41 3.66 -2.80 -7.97
CA ASN B 41 2.44 -2.06 -7.67
C ASN B 41 1.23 -2.93 -7.27
N GLU B 42 1.45 -4.22 -7.07
CA GLU B 42 0.41 -5.12 -6.58
C GLU B 42 0.24 -5.00 -5.07
N ALA B 43 -1.01 -5.01 -4.62
CA ALA B 43 -1.31 -5.11 -3.21
C ALA B 43 -0.73 -6.39 -2.64
N ILE B 44 -0.11 -6.29 -1.47
CA ILE B 44 0.42 -7.45 -0.78
C ILE B 44 0.08 -7.42 0.70
N ASP B 45 -0.07 -8.59 1.28
CA ASP B 45 -0.21 -8.73 2.71
C ASP B 45 1.13 -9.21 3.26
N ILE B 46 1.49 -8.72 4.44
CA ILE B 46 2.72 -9.12 5.08
C ILE B 46 2.38 -9.58 6.48
N TRP B 47 2.83 -10.80 6.79
CA TRP B 47 2.60 -11.45 8.07
C TRP B 47 3.96 -11.65 8.69
N ASN B 48 4.22 -10.90 9.77
CA ASN B 48 5.46 -10.95 10.50
C ASN B 48 5.47 -12.12 11.48
N VAL B 49 6.24 -13.14 11.14
CA VAL B 49 6.35 -14.32 11.97
C VAL B 49 7.06 -13.97 13.28
N THR B 50 7.99 -13.02 13.23
CA THR B 50 8.77 -12.66 14.40
C THR B 50 8.01 -11.93 15.48
N ASN B 51 7.24 -10.90 15.10
CA ASN B 51 6.53 -10.08 16.09
C ASN B 51 5.00 -10.21 16.01
N GLY B 52 4.50 -11.01 15.06
CA GLY B 52 3.06 -11.27 14.95
C GLY B 52 2.21 -10.23 14.22
N LYS B 53 2.78 -9.08 13.88
CA LYS B 53 2.07 -8.03 13.14
C LYS B 53 1.63 -8.50 11.77
N ARG B 54 0.47 -8.03 11.35
CA ARG B 54 -0.10 -8.38 10.05
C ARG B 54 -0.57 -7.07 9.42
N PHE B 55 -0.07 -6.75 8.23
CA PHE B 55 -0.40 -5.51 7.57
C PHE B 55 -0.40 -5.65 6.07
N SER B 56 -0.88 -4.61 5.38
CA SER B 56 -1.02 -4.65 3.94
C SER B 56 -0.39 -3.39 3.33
N THR B 57 0.27 -3.58 2.19
CA THR B 57 0.90 -2.49 1.47
C THR B 57 0.93 -2.85 -0.01
N TYR B 58 1.95 -2.41 -0.74
CA TYR B 58 2.13 -2.84 -2.12
C TYR B 58 3.59 -3.09 -2.38
N ALA B 59 3.85 -3.86 -3.43
CA ALA B 59 5.20 -4.31 -3.79
C ALA B 59 5.83 -3.38 -4.78
N ILE B 60 7.14 -3.16 -4.62
CA ILE B 60 7.95 -2.64 -5.70
C ILE B 60 9.19 -3.48 -5.84
N ALA B 61 9.80 -3.40 -7.00
CA ALA B 61 10.93 -4.23 -7.34
C ALA B 61 12.19 -3.60 -6.73
N ALA B 62 13.02 -4.44 -6.14
CA ALA B 62 14.40 -4.13 -5.82
C ALA B 62 15.32 -4.82 -6.83
N GLU B 63 16.57 -4.36 -6.89
CA GLU B 63 17.61 -4.83 -7.83
C GLU B 63 17.81 -6.36 -7.83
N ARG B 64 17.78 -6.93 -9.03
CA ARG B 64 17.80 -8.37 -9.22
C ARG B 64 19.08 -8.89 -8.65
N GLY B 65 18.98 -9.91 -7.80
CA GLY B 65 20.15 -10.49 -7.18
C GLY B 65 20.51 -9.88 -5.83
N SER B 66 19.87 -8.78 -5.47
CA SER B 66 20.17 -8.05 -4.23
C SER B 66 19.70 -8.81 -3.00
N ARG B 67 18.67 -9.66 -3.16
CA ARG B 67 18.06 -10.38 -2.06
C ARG B 67 17.55 -9.44 -0.94
N ILE B 68 17.13 -8.25 -1.37
CA ILE B 68 16.55 -7.25 -0.50
C ILE B 68 15.06 -7.49 -0.24
N ILE B 69 14.67 -7.40 1.03
CA ILE B 69 13.29 -7.17 1.45
C ILE B 69 13.29 -5.89 2.31
N SER B 70 12.79 -4.80 1.75
CA SER B 70 12.85 -3.49 2.35
C SER B 70 11.46 -2.99 2.66
N VAL B 71 11.13 -2.86 3.95
CA VAL B 71 9.85 -2.32 4.37
C VAL B 71 9.98 -0.82 4.68
N ASN B 72 9.45 0.00 3.78
CA ASN B 72 9.61 1.45 3.80
C ASN B 72 8.38 2.22 4.29
N GLY B 73 8.57 3.51 4.54
CA GLY B 73 7.50 4.42 4.93
C GLY B 73 6.89 4.12 6.28
N ALA B 74 5.56 4.16 6.35
CA ALA B 74 4.82 3.87 7.57
C ALA B 74 4.97 2.40 7.98
N ALA B 75 5.17 1.55 6.97
CA ALA B 75 5.35 0.12 7.17
C ALA B 75 6.58 -0.22 8.00
N ALA B 76 7.57 0.70 7.98
CA ALA B 76 8.76 0.57 8.84
C ALA B 76 8.41 0.52 10.33
N HIS B 77 7.20 0.98 10.70
CA HIS B 77 6.68 0.82 12.07
C HIS B 77 6.30 -0.64 12.42
N CSX B 78 6.12 -1.51 11.42
CA CSX B 78 5.54 -2.86 11.57
CB CSX B 78 4.47 -3.07 10.51
SG CSX B 78 3.19 -1.86 10.59
C CSX B 78 6.56 -3.98 11.37
O CSX B 78 6.11 -5.29 11.69
OD CSX B 78 2.02 -2.38 11.45
N ALA B 79 7.77 -3.71 10.90
CA ALA B 79 8.82 -4.72 10.78
C ALA B 79 10.18 -4.07 10.98
N SER B 80 11.08 -4.81 11.59
CA SER B 80 12.47 -4.39 11.74
C SER B 80 13.37 -5.33 10.93
N VAL B 81 14.59 -4.86 10.69
CA VAL B 81 15.62 -5.66 10.05
C VAL B 81 15.84 -6.93 10.87
N GLY B 82 15.92 -8.07 10.19
CA GLY B 82 16.14 -9.32 10.87
C GLY B 82 14.86 -10.08 11.16
N ASP B 83 13.67 -9.40 11.00
CA ASP B 83 12.38 -10.06 11.20
C ASP B 83 12.14 -11.05 10.09
N ILE B 84 11.55 -12.19 10.42
CA ILE B 84 11.07 -13.17 9.44
C ILE B 84 9.62 -12.88 9.08
N VAL B 85 9.32 -12.77 7.78
CA VAL B 85 7.98 -12.47 7.28
C VAL B 85 7.53 -13.38 6.12
N ILE B 86 6.23 -13.39 5.90
CA ILE B 86 5.62 -14.02 4.74
C ILE B 86 4.95 -12.88 3.96
N ILE B 87 5.21 -12.82 2.67
CA ILE B 87 4.62 -11.82 1.81
C ILE B 87 3.72 -12.56 0.82
N ALA B 88 2.45 -12.15 0.75
CA ALA B 88 1.46 -12.83 -0.08
C ALA B 88 0.67 -11.84 -0.90
N SER B 89 0.25 -12.30 -2.08
CA SER B 89 -0.71 -11.59 -2.89
C SER B 89 -1.87 -12.52 -3.21
N PHE B 90 -3.03 -11.91 -3.41
CA PHE B 90 -4.29 -12.61 -3.69
C PHE B 90 -4.90 -12.07 -4.95
N VAL B 91 -5.55 -12.95 -5.69
CA VAL B 91 -6.20 -12.59 -6.94
C VAL B 91 -7.62 -13.15 -6.94
N THR B 92 -8.47 -12.64 -7.83
CA THR B 92 -9.81 -13.18 -7.94
C THR B 92 -10.00 -13.88 -9.27
N MET B 93 -10.91 -14.82 -9.30
CA MET B 93 -11.22 -15.56 -10.51
C MET B 93 -12.51 -16.30 -10.29
N PRO B 94 -13.16 -16.70 -11.37
CA PRO B 94 -14.40 -17.48 -11.26
C PRO B 94 -14.17 -18.76 -10.44
N ASP B 95 -15.20 -19.14 -9.70
CA ASP B 95 -15.21 -20.34 -8.89
C ASP B 95 -14.67 -21.56 -9.66
N GLU B 96 -15.12 -21.72 -10.90
CA GLU B 96 -14.74 -22.84 -11.72
C GLU B 96 -13.21 -22.93 -11.86
N GLU B 97 -12.54 -21.80 -12.03
CA GLU B 97 -11.08 -21.76 -12.17
C GLU B 97 -10.40 -21.93 -10.80
N ALA B 98 -11.01 -21.34 -9.77
CA ALA B 98 -10.47 -21.39 -8.43
C ALA B 98 -10.34 -22.83 -7.91
N ARG B 99 -11.23 -23.71 -8.33
CA ARG B 99 -11.19 -25.11 -7.91
C ARG B 99 -9.89 -25.84 -8.27
N THR B 100 -9.20 -25.37 -9.31
CA THR B 100 -7.94 -26.01 -9.74
C THR B 100 -6.74 -25.06 -9.65
N TRP B 101 -6.93 -23.91 -9.03
CA TRP B 101 -5.88 -22.89 -8.93
C TRP B 101 -4.70 -23.39 -8.05
N ARG B 102 -3.47 -23.07 -8.44
CA ARG B 102 -2.27 -23.44 -7.70
C ARG B 102 -1.46 -22.16 -7.48
N PRO B 103 -1.17 -21.79 -6.24
CA PRO B 103 -0.36 -20.59 -5.98
C PRO B 103 1.10 -20.81 -6.30
N ASN B 104 1.79 -19.70 -6.48
CA ASN B 104 3.21 -19.66 -6.73
C ASN B 104 3.94 -19.38 -5.43
N VAL B 105 4.64 -20.38 -4.92
CA VAL B 105 5.26 -20.30 -3.61
C VAL B 105 6.78 -20.39 -3.71
N ALA B 106 7.48 -19.47 -3.06
CA ALA B 106 8.93 -19.58 -2.93
C ALA B 106 9.33 -19.69 -1.48
N TYR B 107 10.23 -20.63 -1.20
CA TYR B 107 10.75 -20.89 0.13
C TYR B 107 12.16 -20.37 0.25
N PHE B 108 12.54 -19.97 1.47
CA PHE B 108 13.83 -19.38 1.72
C PHE B 108 14.49 -19.98 2.96
N GLU B 109 15.81 -19.93 2.98
CA GLU B 109 16.58 -20.22 4.18
C GLU B 109 17.67 -19.18 4.32
N GLY B 110 18.42 -19.27 5.42
CA GLY B 110 19.54 -18.39 5.65
C GLY B 110 19.22 -16.94 5.32
N ASP B 111 20.14 -16.29 4.60
CA ASP B 111 19.95 -14.89 4.27
C ASP B 111 19.31 -14.75 2.86
N ASN B 112 18.01 -15.02 2.84
CA ASN B 112 17.15 -14.90 1.65
C ASN B 112 17.66 -15.67 0.43
N GLU B 113 18.18 -16.86 0.67
CA GLU B 113 18.50 -17.80 -0.40
C GLU B 113 17.22 -18.60 -0.74
N MET B 114 16.83 -18.52 -2.00
CA MET B 114 15.66 -19.21 -2.44
C MET B 114 15.99 -20.68 -2.64
N LYS B 115 15.10 -21.56 -2.21
CA LYS B 115 15.23 -22.99 -2.49
C LYS B 115 14.87 -23.32 -3.95
S SO4 C . -19.65 13.37 12.50
O1 SO4 C . -19.19 13.69 13.88
O2 SO4 C . -20.29 12.06 12.39
O3 SO4 C . -20.72 14.37 12.13
O4 SO4 C . -18.48 13.62 11.61
#